data_2H6K
#
_entry.id   2H6K
#
_cell.length_a   133.473
_cell.length_b   46.521
_cell.length_c   112.110
_cell.angle_alpha   90.00
_cell.angle_beta   116.86
_cell.angle_gamma   90.00
#
_symmetry.space_group_name_H-M   'C 1 2 1'
#
loop_
_entity.id
_entity.type
_entity.pdbx_description
1 polymer 'WD-repeat protein 5'
2 polymer 'Histone H3 K4-Me 9-residue peptide'
3 water water
#
loop_
_entity_poly.entity_id
_entity_poly.type
_entity_poly.pdbx_seq_one_letter_code
_entity_poly.pdbx_strand_id
1 'polypeptide(L)'
;ATQSKPTPVKPNYALKFTLAGHTKAVSSVKFSPNGEWLASSSADKLIKIWGAYDGKFEKTISGHKLGISDVAWSSDSNLL
VSASDDKTLKIWDVSSGKCLKTLKGHSNYVFCCNFNPQSNLIVSGSFDESVRIWDVKTGKCLKTLPAHSDPVSAVHFNRD
GSLIVSSSYDGLCRIWDTASGQCLKTLIDDDNPPVSFVKFSPNGKYILAATLDNTLKLWDYSKGKCLKTYTGHKNEKYCI
FANFSVTGGKWIVSGSEDNLVYIWNLQTKEIVQKLQGHTDVVISTACHPTENIIASAALENDKTIKLWKSDC
;
A,B
2 'polypeptide(L)' ART(MLZ)QTARK C,D
#
# COMPACT_ATOMS: atom_id res chain seq x y z
N PRO A 8 19.35 -9.39 -15.34
CA PRO A 8 19.92 -9.44 -13.99
C PRO A 8 20.33 -10.85 -13.59
N VAL A 9 21.58 -11.01 -13.18
CA VAL A 9 22.07 -12.32 -12.78
C VAL A 9 21.23 -12.85 -11.63
N LYS A 10 21.07 -12.03 -10.57
CA LYS A 10 20.38 -12.47 -9.37
C LYS A 10 19.68 -11.29 -8.72
N PRO A 11 18.57 -11.55 -7.98
CA PRO A 11 17.91 -10.46 -7.28
C PRO A 11 18.64 -10.19 -5.97
N ASN A 12 18.30 -9.10 -5.30
CA ASN A 12 18.92 -8.74 -4.05
C ASN A 12 17.89 -8.35 -2.99
N TYR A 13 16.84 -9.16 -2.88
CA TYR A 13 15.80 -8.96 -1.87
C TYR A 13 16.37 -8.77 -0.49
N ALA A 14 15.89 -7.73 0.19
CA ALA A 14 16.33 -7.43 1.53
C ALA A 14 15.12 -7.07 2.39
N LEU A 15 15.19 -7.44 3.66
CA LEU A 15 14.06 -7.27 4.57
C LEU A 15 13.72 -5.79 4.78
N LYS A 16 12.44 -5.45 4.61
CA LYS A 16 11.97 -4.08 4.85
C LYS A 16 11.09 -3.97 6.09
N PHE A 17 10.16 -4.90 6.26
CA PHE A 17 9.22 -4.88 7.39
C PHE A 17 8.90 -6.28 7.88
N THR A 18 8.63 -6.37 9.17
CA THR A 18 8.07 -7.58 9.80
C THR A 18 6.74 -7.16 10.41
N LEU A 19 5.68 -7.82 9.95
CA LEU A 19 4.31 -7.48 10.34
C LEU A 19 3.76 -8.51 11.31
N ALA A 20 3.53 -8.06 12.54
CA ALA A 20 3.09 -8.91 13.64
C ALA A 20 1.65 -8.55 13.92
N GLY A 21 0.90 -9.52 14.41
CA GLY A 21 -0.49 -9.25 14.77
C GLY A 21 -1.35 -10.48 14.87
N HIS A 22 -1.18 -11.42 13.93
CA HIS A 22 -1.93 -12.68 13.99
C HIS A 22 -1.53 -13.47 15.23
N THR A 23 -2.49 -14.20 15.81
CA THR A 23 -2.28 -14.90 17.08
C THR A 23 -2.08 -16.40 16.91
N LYS A 24 -2.18 -16.87 15.67
CA LYS A 24 -1.80 -18.24 15.35
C LYS A 24 -1.10 -18.19 14.00
N ALA A 25 -0.68 -19.37 13.52
CA ALA A 25 0.02 -19.47 12.26
C ALA A 25 -0.69 -18.66 11.18
N VAL A 26 0.09 -17.99 10.35
CA VAL A 26 -0.43 -17.34 9.13
C VAL A 26 -0.59 -18.41 8.03
N SER A 27 -1.64 -18.32 7.20
CA SER A 27 -1.87 -19.33 6.16
C SER A 27 -1.62 -18.84 4.72
N SER A 28 -1.91 -17.56 4.45
CA SER A 28 -1.83 -17.05 3.09
C SER A 28 -1.67 -15.54 3.13
N VAL A 29 -0.87 -15.01 2.21
CA VAL A 29 -0.75 -13.55 1.94
C VAL A 29 -0.95 -13.29 0.43
N LYS A 30 -1.66 -12.21 0.09
CA LYS A 30 -1.94 -11.85 -1.30
C LYS A 30 -1.94 -10.33 -1.45
N PHE A 31 -1.22 -9.80 -2.44
CA PHE A 31 -1.27 -8.36 -2.76
C PHE A 31 -2.52 -8.04 -3.56
N SER A 32 -3.14 -6.88 -3.28
CA SER A 32 -4.25 -6.40 -4.07
C SER A 32 -3.75 -6.14 -5.50
N PRO A 33 -4.65 -6.26 -6.50
CA PRO A 33 -4.21 -6.11 -7.89
C PRO A 33 -3.61 -4.74 -8.19
N ASN A 34 -4.05 -3.71 -7.46
CA ASN A 34 -3.55 -2.35 -7.65
C ASN A 34 -2.30 -2.04 -6.81
N GLY A 35 -1.83 -3.05 -6.08
CA GLY A 35 -0.57 -2.99 -5.37
C GLY A 35 -0.57 -2.29 -4.02
N GLU A 36 -1.66 -1.64 -3.64
CA GLU A 36 -1.65 -0.85 -2.40
C GLU A 36 -1.72 -1.66 -1.11
N TRP A 37 -2.35 -2.84 -1.16
CA TRP A 37 -2.62 -3.62 0.06
C TRP A 37 -2.05 -5.02 0.03
N LEU A 38 -1.76 -5.52 1.21
CA LEU A 38 -1.51 -6.95 1.41
C LEU A 38 -2.63 -7.45 2.30
N ALA A 39 -3.24 -8.57 1.94
CA ALA A 39 -4.20 -9.23 2.82
C ALA A 39 -3.56 -10.50 3.30
N SER A 40 -3.77 -10.83 4.57
CA SER A 40 -3.32 -12.09 5.14
C SER A 40 -4.48 -12.83 5.82
N SER A 41 -4.41 -14.15 5.79
CA SER A 41 -5.34 -14.98 6.52
C SER A 41 -4.56 -15.87 7.50
N SER A 42 -5.25 -16.38 8.50
CA SER A 42 -4.60 -17.14 9.57
C SER A 42 -5.50 -18.23 10.18
N ALA A 43 -4.84 -19.21 10.80
CA ALA A 43 -5.53 -20.18 11.66
C ALA A 43 -6.27 -19.49 12.81
N ASP A 44 -5.95 -18.22 13.06
CA ASP A 44 -6.63 -17.47 14.11
C ASP A 44 -8.06 -16.99 13.75
N LYS A 45 -8.55 -17.39 12.58
CA LYS A 45 -9.91 -17.08 12.07
C LYS A 45 -10.03 -15.64 11.50
N LEU A 46 -8.91 -14.92 11.44
CA LEU A 46 -8.92 -13.52 11.02
C LEU A 46 -8.25 -13.27 9.68
N ILE A 47 -8.71 -12.22 9.00
CA ILE A 47 -8.06 -11.61 7.87
C ILE A 47 -7.51 -10.27 8.34
N LYS A 48 -6.28 -9.95 7.93
CA LYS A 48 -5.71 -8.64 8.26
C LYS A 48 -5.28 -7.96 6.98
N ILE A 49 -5.39 -6.63 6.97
CA ILE A 49 -5.02 -5.81 5.81
C ILE A 49 -3.86 -4.93 6.26
N TRP A 50 -2.87 -4.79 5.38
CA TRP A 50 -1.64 -4.08 5.69
C TRP A 50 -1.27 -3.22 4.49
N GLY A 51 -0.69 -2.06 4.73
CA GLY A 51 -0.09 -1.25 3.65
C GLY A 51 1.08 -1.96 3.00
N ALA A 52 1.07 -2.05 1.66
CA ALA A 52 2.11 -2.81 0.93
C ALA A 52 3.47 -2.14 0.99
N TYR A 53 3.50 -0.82 1.18
CA TYR A 53 4.74 -0.05 1.03
C TYR A 53 5.35 0.40 2.35
N ASP A 54 4.51 0.69 3.34
CA ASP A 54 4.98 1.06 4.67
C ASP A 54 4.76 -0.05 5.72
N GLY A 55 4.18 -1.16 5.28
CA GLY A 55 3.92 -2.30 6.17
C GLY A 55 3.01 -2.00 7.34
N LYS A 56 2.18 -0.96 7.21
CA LYS A 56 1.36 -0.51 8.33
C LYS A 56 0.05 -1.28 8.40
N PHE A 57 -0.22 -1.87 9.57
CA PHE A 57 -1.48 -2.53 9.83
C PHE A 57 -2.65 -1.58 9.58
N GLU A 58 -3.61 -2.06 8.79
CA GLU A 58 -4.78 -1.27 8.41
C GLU A 58 -6.03 -1.68 9.19
N LYS A 59 -6.41 -2.96 9.11
CA LYS A 59 -7.60 -3.41 9.83
C LYS A 59 -7.68 -4.93 9.94
N THR A 60 -8.51 -5.40 10.87
CA THR A 60 -8.83 -6.81 11.03
C THR A 60 -10.23 -7.05 10.51
N ILE A 61 -10.42 -8.14 9.77
CA ILE A 61 -11.72 -8.51 9.24
C ILE A 61 -12.10 -9.86 9.81
N SER A 62 -13.21 -9.90 10.53
CA SER A 62 -13.58 -11.09 11.27
C SER A 62 -14.99 -11.57 11.00
N GLY A 63 -15.23 -12.86 11.27
CA GLY A 63 -16.55 -13.44 11.07
C GLY A 63 -16.53 -14.95 10.85
N HIS A 64 -15.48 -15.48 10.26
CA HIS A 64 -15.38 -16.94 10.15
C HIS A 64 -15.38 -17.62 11.52
N LYS A 65 -15.97 -18.81 11.60
CA LYS A 65 -16.07 -19.52 12.86
C LYS A 65 -14.87 -20.39 13.16
N LEU A 66 -14.07 -20.68 12.14
CA LEU A 66 -12.87 -21.49 12.32
C LEU A 66 -11.75 -20.91 11.46
N GLY A 67 -10.57 -21.54 11.52
CA GLY A 67 -9.37 -21.05 10.81
C GLY A 67 -9.59 -20.82 9.33
N ILE A 68 -8.77 -19.96 8.73
CA ILE A 68 -8.85 -19.62 7.29
C ILE A 68 -7.56 -20.10 6.64
N SER A 69 -7.70 -20.79 5.51
CA SER A 69 -6.57 -21.34 4.76
C SER A 69 -6.13 -20.51 3.57
N ASP A 70 -6.96 -19.56 3.11
CA ASP A 70 -6.65 -18.82 1.89
C ASP A 70 -7.55 -17.59 1.76
N VAL A 71 -7.03 -16.57 1.07
CA VAL A 71 -7.78 -15.36 0.71
C VAL A 71 -7.46 -15.01 -0.74
N ALA A 72 -8.34 -14.27 -1.41
CA ALA A 72 -8.08 -13.81 -2.77
C ALA A 72 -8.84 -12.52 -3.05
N TRP A 73 -8.24 -11.67 -3.90
CA TRP A 73 -8.77 -10.33 -4.19
C TRP A 73 -9.53 -10.32 -5.51
N SER A 74 -10.61 -9.52 -5.56
CA SER A 74 -11.26 -9.15 -6.82
C SER A 74 -10.36 -8.19 -7.60
N SER A 75 -10.53 -8.14 -8.93
CA SER A 75 -9.83 -7.17 -9.78
C SER A 75 -10.08 -5.72 -9.36
N ASP A 76 -11.20 -5.46 -8.68
CA ASP A 76 -11.51 -4.10 -8.17
C ASP A 76 -10.71 -3.70 -6.91
N SER A 77 -9.85 -4.59 -6.43
CA SER A 77 -9.06 -4.35 -5.20
C SER A 77 -9.89 -3.98 -3.97
N ASN A 78 -11.18 -4.31 -3.98
CA ASN A 78 -12.02 -4.04 -2.81
C ASN A 78 -12.71 -5.27 -2.26
N LEU A 79 -13.13 -6.16 -3.14
CA LEU A 79 -13.70 -7.41 -2.66
C LEU A 79 -12.60 -8.41 -2.36
N LEU A 80 -12.81 -9.15 -1.27
CA LEU A 80 -11.94 -10.25 -0.87
C LEU A 80 -12.81 -11.49 -0.63
N VAL A 81 -12.31 -12.66 -1.02
CA VAL A 81 -12.95 -13.92 -0.61
C VAL A 81 -11.98 -14.72 0.28
N SER A 82 -12.54 -15.41 1.27
CA SER A 82 -11.75 -16.25 2.19
C SER A 82 -12.31 -17.67 2.22
N ALA A 83 -11.42 -18.64 2.42
CA ALA A 83 -11.78 -20.07 2.46
C ALA A 83 -11.45 -20.60 3.85
N SER A 84 -12.47 -21.14 4.53
CA SER A 84 -12.34 -21.50 5.95
C SER A 84 -12.65 -22.96 6.25
N ASP A 85 -12.07 -23.42 7.37
CA ASP A 85 -12.38 -24.73 7.97
C ASP A 85 -13.84 -24.83 8.42
N ASP A 86 -14.54 -23.70 8.57
CA ASP A 86 -15.97 -23.73 8.91
C ASP A 86 -16.87 -24.15 7.73
N LYS A 87 -16.23 -24.58 6.64
CA LYS A 87 -16.90 -25.16 5.44
C LYS A 87 -17.51 -24.10 4.52
N THR A 88 -17.29 -22.84 4.85
CA THR A 88 -17.78 -21.74 4.02
C THR A 88 -16.64 -20.94 3.37
N LEU A 89 -17.02 -20.17 2.36
CA LEU A 89 -16.22 -19.01 1.97
C LEU A 89 -17.05 -17.78 2.31
N LYS A 90 -16.37 -16.67 2.54
CA LYS A 90 -17.09 -15.41 2.73
C LYS A 90 -16.56 -14.37 1.77
N ILE A 91 -17.45 -13.55 1.22
CA ILE A 91 -17.05 -12.42 0.41
C ILE A 91 -17.15 -11.15 1.26
N TRP A 92 -16.08 -10.36 1.25
CA TRP A 92 -15.94 -9.21 2.13
C TRP A 92 -15.78 -7.94 1.31
N ASP A 93 -16.34 -6.86 1.84
CA ASP A 93 -16.06 -5.51 1.34
C ASP A 93 -14.91 -4.99 2.20
N VAL A 94 -13.72 -4.86 1.61
CA VAL A 94 -12.54 -4.54 2.44
C VAL A 94 -12.59 -3.11 3.00
N SER A 95 -13.26 -2.22 2.26
CA SER A 95 -13.35 -0.82 2.68
C SER A 95 -14.20 -0.65 3.94
N SER A 96 -15.22 -1.49 4.10
CA SER A 96 -16.06 -1.45 5.30
C SER A 96 -15.74 -2.56 6.28
N GLY A 97 -15.10 -3.62 5.78
CA GLY A 97 -14.79 -4.80 6.58
C GLY A 97 -15.99 -5.73 6.76
N LYS A 98 -17.07 -5.46 6.04
CA LYS A 98 -18.31 -6.24 6.19
C LYS A 98 -18.34 -7.49 5.35
N CYS A 99 -18.92 -8.55 5.90
CA CYS A 99 -19.24 -9.76 5.13
C CYS A 99 -20.47 -9.47 4.26
N LEU A 100 -20.31 -9.57 2.94
CA LEU A 100 -21.41 -9.32 1.99
C LEU A 100 -22.21 -10.58 1.75
N LYS A 101 -21.55 -11.73 1.77
CA LYS A 101 -22.26 -13.01 1.73
C LYS A 101 -21.39 -14.19 2.10
N THR A 102 -22.06 -15.27 2.46
CA THR A 102 -21.41 -16.51 2.86
C THR A 102 -21.78 -17.59 1.87
N LEU A 103 -20.76 -18.23 1.30
CA LEU A 103 -20.93 -19.24 0.25
C LEU A 103 -20.97 -20.62 0.88
N LYS A 104 -22.13 -21.26 0.85
CA LYS A 104 -22.35 -22.49 1.60
C LYS A 104 -22.62 -23.62 0.63
N GLY A 105 -22.06 -24.80 0.93
CA GLY A 105 -22.19 -25.92 0.00
C GLY A 105 -21.14 -26.98 0.18
N HIS A 106 -19.89 -26.59 0.42
CA HIS A 106 -18.86 -27.59 0.72
C HIS A 106 -19.21 -28.36 2.01
N SER A 107 -18.83 -29.63 2.07
CA SER A 107 -19.17 -30.48 3.22
C SER A 107 -17.97 -30.72 4.16
N ASN A 108 -16.87 -30.03 3.89
CA ASN A 108 -15.63 -30.14 4.71
C ASN A 108 -14.81 -28.86 4.49
N TYR A 109 -13.61 -28.78 5.10
CA TYR A 109 -12.78 -27.56 5.04
C TYR A 109 -12.66 -26.99 3.64
N VAL A 110 -12.80 -25.67 3.50
CA VAL A 110 -12.49 -25.02 2.23
C VAL A 110 -11.04 -24.55 2.33
N PHE A 111 -10.23 -24.99 1.38
CA PHE A 111 -8.78 -24.90 1.51
C PHE A 111 -8.16 -23.80 0.65
N CYS A 112 -8.81 -23.50 -0.48
CA CYS A 112 -8.24 -22.64 -1.53
C CYS A 112 -9.34 -21.93 -2.29
N CYS A 113 -9.04 -20.72 -2.75
CA CYS A 113 -10.00 -19.89 -3.48
C CYS A 113 -9.35 -18.85 -4.42
N ASN A 114 -10.12 -18.37 -5.38
CA ASN A 114 -9.63 -17.39 -6.35
C ASN A 114 -10.79 -16.79 -7.11
N PHE A 115 -10.69 -15.50 -7.44
CA PHE A 115 -11.63 -14.85 -8.37
C PHE A 115 -11.11 -15.12 -9.77
N ASN A 116 -12.02 -15.15 -10.76
CA ASN A 116 -11.61 -15.07 -12.16
C ASN A 116 -11.22 -13.63 -12.50
N PRO A 117 -10.48 -13.43 -13.61
CA PRO A 117 -10.14 -12.07 -14.00
C PRO A 117 -11.32 -11.11 -14.15
N GLN A 118 -12.46 -11.60 -14.65
CA GLN A 118 -13.70 -10.81 -14.81
C GLN A 118 -14.29 -10.40 -13.46
N SER A 119 -13.89 -11.18 -12.45
CA SER A 119 -14.31 -11.08 -11.06
C SER A 119 -15.81 -11.22 -10.82
N ASN A 120 -16.48 -11.97 -11.70
CA ASN A 120 -17.86 -12.37 -11.48
C ASN A 120 -18.02 -13.81 -10.98
N LEU A 121 -16.90 -14.55 -10.91
CA LEU A 121 -16.90 -15.92 -10.40
C LEU A 121 -15.77 -16.08 -9.39
N ILE A 122 -15.97 -17.02 -8.48
CA ILE A 122 -14.97 -17.49 -7.52
C ILE A 122 -14.88 -19.01 -7.68
N VAL A 123 -13.67 -19.55 -7.64
CA VAL A 123 -13.44 -20.99 -7.63
C VAL A 123 -12.90 -21.36 -6.25
N SER A 124 -13.35 -22.50 -5.71
CA SER A 124 -12.90 -22.99 -4.42
C SER A 124 -12.57 -24.48 -4.50
N GLY A 125 -11.62 -24.92 -3.68
CA GLY A 125 -11.29 -26.35 -3.53
C GLY A 125 -11.40 -26.73 -2.08
N SER A 126 -11.81 -27.96 -1.81
CA SER A 126 -12.13 -28.36 -0.45
C SER A 126 -11.60 -29.75 -0.10
N PHE A 127 -11.50 -30.00 1.21
CA PHE A 127 -11.22 -31.35 1.69
C PHE A 127 -12.33 -32.34 1.30
N ASP A 128 -13.49 -31.83 0.89
CA ASP A 128 -14.57 -32.72 0.41
C ASP A 128 -14.30 -33.26 -1.00
N GLU A 129 -13.14 -32.93 -1.54
CA GLU A 129 -12.61 -33.47 -2.81
C GLU A 129 -13.24 -32.84 -4.05
N SER A 130 -14.04 -31.80 -3.85
CA SER A 130 -14.70 -31.11 -4.96
C SER A 130 -14.10 -29.74 -5.24
N VAL A 131 -14.34 -29.29 -6.47
CA VAL A 131 -14.15 -27.90 -6.86
C VAL A 131 -15.53 -27.29 -7.10
N ARG A 132 -15.77 -26.11 -6.50
CA ARG A 132 -17.03 -25.37 -6.71
C ARG A 132 -16.80 -24.04 -7.42
N ILE A 133 -17.73 -23.69 -8.29
CA ILE A 133 -17.67 -22.43 -9.01
C ILE A 133 -18.89 -21.64 -8.58
N TRP A 134 -18.63 -20.40 -8.13
CA TRP A 134 -19.63 -19.57 -7.45
C TRP A 134 -19.89 -18.28 -8.20
N ASP A 135 -21.15 -17.85 -8.15
CA ASP A 135 -21.59 -16.55 -8.71
C ASP A 135 -21.33 -15.48 -7.68
N VAL A 136 -20.45 -14.54 -7.98
CA VAL A 136 -20.11 -13.47 -7.01
C VAL A 136 -21.33 -12.63 -6.60
N LYS A 137 -22.18 -12.31 -7.57
CA LYS A 137 -23.32 -11.43 -7.32
C LYS A 137 -24.43 -12.04 -6.45
N THR A 138 -24.74 -13.31 -6.68
CA THR A 138 -25.85 -13.93 -5.97
C THR A 138 -25.38 -14.79 -4.79
N GLY A 139 -24.10 -15.16 -4.78
CA GLY A 139 -23.54 -16.04 -3.75
C GLY A 139 -23.91 -17.50 -3.96
N LYS A 140 -24.53 -17.80 -5.10
CA LYS A 140 -24.97 -19.16 -5.39
C LYS A 140 -23.87 -20.00 -6.01
N CYS A 141 -23.90 -21.29 -5.69
CA CYS A 141 -23.00 -22.24 -6.32
C CYS A 141 -23.56 -22.57 -7.70
N LEU A 142 -22.75 -22.34 -8.72
CA LEU A 142 -23.17 -22.59 -10.10
C LEU A 142 -22.88 -24.02 -10.52
N LYS A 143 -21.72 -24.53 -10.11
CA LYS A 143 -21.27 -25.88 -10.49
C LYS A 143 -20.48 -26.50 -9.35
N THR A 144 -20.67 -27.80 -9.14
CA THR A 144 -19.82 -28.60 -8.25
C THR A 144 -19.11 -29.65 -9.11
N LEU A 145 -17.79 -29.56 -9.19
CA LEU A 145 -17.04 -30.49 -10.02
C LEU A 145 -16.51 -31.63 -9.17
N PRO A 146 -16.76 -32.89 -9.58
CA PRO A 146 -16.26 -34.01 -8.79
C PRO A 146 -14.78 -34.23 -9.13
N ALA A 147 -13.94 -33.32 -8.64
CA ALA A 147 -12.66 -33.03 -9.26
C ALA A 147 -11.57 -34.03 -8.92
N HIS A 148 -11.57 -34.51 -7.69
CA HIS A 148 -10.47 -35.30 -7.15
C HIS A 148 -10.93 -36.41 -6.20
N SER A 149 -10.00 -37.26 -5.77
CA SER A 149 -10.29 -38.37 -4.85
C SER A 149 -9.58 -38.21 -3.49
N ASP A 150 -9.18 -36.96 -3.20
CA ASP A 150 -8.56 -36.58 -1.93
C ASP A 150 -8.66 -35.06 -1.83
N PRO A 151 -8.28 -34.47 -0.67
CA PRO A 151 -8.42 -33.01 -0.58
C PRO A 151 -7.81 -32.21 -1.75
N VAL A 152 -8.54 -31.18 -2.16
CA VAL A 152 -8.08 -30.26 -3.22
C VAL A 152 -7.18 -29.17 -2.61
N SER A 153 -5.91 -29.18 -3.01
CA SER A 153 -4.92 -28.30 -2.41
C SER A 153 -4.83 -26.87 -3.01
N ALA A 154 -5.21 -26.70 -4.28
CA ALA A 154 -5.14 -25.41 -4.97
C ALA A 154 -6.14 -25.36 -6.10
N VAL A 155 -6.61 -24.15 -6.41
CA VAL A 155 -7.46 -23.87 -7.59
C VAL A 155 -7.07 -22.48 -8.12
N HIS A 156 -7.01 -22.32 -9.45
CA HIS A 156 -6.55 -21.05 -10.04
C HIS A 156 -7.16 -20.90 -11.42
N PHE A 157 -7.61 -19.68 -11.75
CA PHE A 157 -8.12 -19.42 -13.10
C PHE A 157 -6.95 -18.99 -13.97
N ASN A 158 -7.03 -19.29 -15.27
CA ASN A 158 -6.03 -18.80 -16.23
C ASN A 158 -6.28 -17.33 -16.55
N ARG A 159 -5.50 -16.78 -17.48
CA ARG A 159 -5.47 -15.33 -17.78
C ARG A 159 -6.81 -14.71 -18.19
N ASP A 160 -7.70 -15.49 -18.81
CA ASP A 160 -9.04 -14.97 -19.14
C ASP A 160 -10.20 -15.69 -18.44
N GLY A 161 -9.90 -16.53 -17.46
CA GLY A 161 -10.93 -17.21 -16.70
C GLY A 161 -11.63 -18.35 -17.42
N SER A 162 -11.18 -18.68 -18.65
CA SER A 162 -11.79 -19.77 -19.42
C SER A 162 -11.41 -21.14 -18.87
N LEU A 163 -10.27 -21.22 -18.19
CA LEU A 163 -9.80 -22.48 -17.59
C LEU A 163 -9.56 -22.38 -16.11
N ILE A 164 -9.73 -23.51 -15.42
CA ILE A 164 -9.33 -23.69 -14.03
C ILE A 164 -8.32 -24.83 -13.94
N VAL A 165 -7.26 -24.64 -13.17
CA VAL A 165 -6.37 -25.72 -12.78
C VAL A 165 -6.59 -26.06 -11.29
N SER A 166 -6.61 -27.35 -11.01
CA SER A 166 -6.78 -27.86 -9.65
C SER A 166 -5.68 -28.87 -9.36
N SER A 167 -5.29 -28.96 -8.09
CA SER A 167 -4.29 -29.95 -7.64
C SER A 167 -4.85 -30.69 -6.44
N SER A 168 -4.33 -31.89 -6.18
CA SER A 168 -4.86 -32.67 -5.07
C SER A 168 -3.83 -33.62 -4.48
N TYR A 169 -4.06 -33.96 -3.22
CA TYR A 169 -3.29 -35.02 -2.57
C TYR A 169 -3.40 -36.35 -3.30
N ASP A 170 -4.38 -36.48 -4.19
CA ASP A 170 -4.55 -37.72 -4.97
C ASP A 170 -3.43 -37.92 -5.99
N GLY A 171 -2.59 -36.90 -6.16
CA GLY A 171 -1.46 -36.98 -7.08
C GLY A 171 -1.69 -36.37 -8.45
N LEU A 172 -2.89 -35.83 -8.68
CA LEU A 172 -3.27 -35.29 -9.99
C LEU A 172 -3.28 -33.76 -10.05
N CYS A 173 -3.00 -33.21 -11.24
CA CYS A 173 -3.38 -31.86 -11.60
C CYS A 173 -4.37 -31.99 -12.75
N ARG A 174 -5.45 -31.24 -12.68
CA ARG A 174 -6.47 -31.27 -13.73
C ARG A 174 -6.77 -29.88 -14.25
N ILE A 175 -7.02 -29.81 -15.55
CA ILE A 175 -7.44 -28.57 -16.21
C ILE A 175 -8.91 -28.69 -16.58
N TRP A 176 -9.69 -27.68 -16.21
CA TRP A 176 -11.14 -27.70 -16.36
C TRP A 176 -11.58 -26.56 -17.27
N ASP A 177 -12.59 -26.81 -18.12
CA ASP A 177 -13.24 -25.73 -18.86
C ASP A 177 -14.25 -25.07 -17.91
N THR A 178 -14.06 -23.78 -17.59
CA THR A 178 -14.93 -23.06 -16.64
C THR A 178 -16.42 -23.07 -17.00
N ALA A 179 -16.72 -22.75 -18.26
CA ALA A 179 -18.09 -22.59 -18.72
C ALA A 179 -18.90 -23.89 -18.66
N SER A 180 -18.26 -25.00 -19.02
CA SER A 180 -18.93 -26.30 -19.10
C SER A 180 -18.70 -27.17 -17.86
N GLY A 181 -17.63 -26.87 -17.11
CA GLY A 181 -17.20 -27.71 -15.97
C GLY A 181 -16.55 -29.02 -16.37
N GLN A 182 -16.21 -29.17 -17.66
CA GLN A 182 -15.61 -30.41 -18.14
C GLN A 182 -14.09 -30.46 -17.92
N CYS A 183 -13.59 -31.63 -17.51
CA CYS A 183 -12.15 -31.83 -17.37
C CYS A 183 -11.53 -31.98 -18.76
N LEU A 184 -10.55 -31.15 -19.09
CA LEU A 184 -9.94 -31.19 -20.41
C LEU A 184 -8.65 -31.97 -20.44
N LYS A 185 -7.95 -31.99 -19.31
CA LYS A 185 -6.64 -32.63 -19.23
C LYS A 185 -6.34 -33.03 -17.78
N THR A 186 -5.80 -34.25 -17.62
CA THR A 186 -5.25 -34.71 -16.33
C THR A 186 -3.75 -34.91 -16.52
N LEU A 187 -2.94 -34.26 -15.68
CA LEU A 187 -1.49 -34.52 -15.67
C LEU A 187 -1.16 -35.54 -14.58
N ILE A 188 -0.33 -36.52 -14.92
CA ILE A 188 0.01 -37.60 -13.98
C ILE A 188 1.52 -37.81 -13.82
N ASP A 189 1.91 -38.32 -12.66
CA ASP A 189 3.29 -38.68 -12.37
C ASP A 189 3.28 -40.17 -12.00
N ASP A 190 4.18 -40.95 -12.61
CA ASP A 190 4.20 -42.41 -12.39
C ASP A 190 4.33 -42.78 -10.90
N ASP A 191 5.12 -42.01 -10.16
CA ASP A 191 5.33 -42.24 -8.73
C ASP A 191 4.32 -41.52 -7.84
N ASN A 192 3.46 -40.72 -8.46
CA ASN A 192 2.23 -40.19 -7.85
C ASN A 192 2.32 -39.41 -6.51
N PRO A 193 3.32 -38.53 -6.35
CA PRO A 193 3.40 -37.79 -5.07
C PRO A 193 2.18 -36.86 -4.89
N PRO A 194 1.77 -36.56 -3.63
CA PRO A 194 0.67 -35.60 -3.47
C PRO A 194 1.04 -34.26 -4.10
N VAL A 195 0.10 -33.64 -4.82
CA VAL A 195 0.30 -32.31 -5.40
C VAL A 195 -0.29 -31.29 -4.41
N SER A 196 0.60 -30.45 -3.86
CA SER A 196 0.28 -29.55 -2.76
C SER A 196 -0.04 -28.13 -3.19
N PHE A 197 0.26 -27.80 -4.45
CA PHE A 197 -0.03 -26.46 -4.96
C PHE A 197 0.05 -26.46 -6.47
N VAL A 198 -0.75 -25.60 -7.11
CA VAL A 198 -0.63 -25.39 -8.55
C VAL A 198 -1.16 -24.00 -8.90
N LYS A 199 -0.62 -23.43 -9.97
CA LYS A 199 -1.18 -22.22 -10.57
C LYS A 199 -0.73 -22.10 -12.04
N PHE A 200 -1.50 -21.35 -12.82
CA PHE A 200 -1.12 -21.00 -14.18
C PHE A 200 0.02 -19.98 -14.21
N SER A 201 0.86 -20.07 -15.24
CA SER A 201 1.81 -18.99 -15.54
C SER A 201 1.04 -17.72 -15.97
N PRO A 202 1.65 -16.53 -15.77
CA PRO A 202 1.01 -15.28 -16.19
C PRO A 202 0.45 -15.30 -17.64
N ASN A 203 1.15 -15.96 -18.56
CA ASN A 203 0.70 -16.03 -19.95
C ASN A 203 -0.33 -17.12 -20.21
N GLY A 204 -0.61 -17.94 -19.20
CA GLY A 204 -1.64 -18.96 -19.27
C GLY A 204 -1.25 -20.25 -19.97
N LYS A 205 -0.03 -20.30 -20.51
CA LYS A 205 0.42 -21.46 -21.29
C LYS A 205 0.96 -22.61 -20.43
N TYR A 206 1.46 -22.28 -19.25
CA TYR A 206 2.05 -23.29 -18.38
C TYR A 206 1.35 -23.39 -17.04
N ILE A 207 1.59 -24.49 -16.33
CA ILE A 207 1.22 -24.56 -14.91
C ILE A 207 2.46 -24.86 -14.08
N LEU A 208 2.53 -24.27 -12.89
CA LEU A 208 3.56 -24.56 -11.92
C LEU A 208 2.94 -25.40 -10.81
N ALA A 209 3.48 -26.60 -10.59
CA ALA A 209 2.89 -27.54 -9.64
C ALA A 209 3.93 -27.98 -8.60
N ALA A 210 3.56 -27.87 -7.32
CA ALA A 210 4.40 -28.36 -6.22
C ALA A 210 3.96 -29.75 -5.81
N THR A 211 4.91 -30.62 -5.58
CA THR A 211 4.62 -31.96 -5.01
C THR A 211 5.42 -32.17 -3.75
N LEU A 212 4.92 -33.04 -2.88
CA LEU A 212 5.49 -33.21 -1.53
C LEU A 212 6.70 -34.14 -1.52
N ASP A 213 7.47 -34.07 -2.61
CA ASP A 213 8.79 -34.69 -2.69
C ASP A 213 9.84 -33.61 -2.96
N ASN A 214 9.64 -32.43 -2.37
CA ASN A 214 10.61 -31.32 -2.46
C ASN A 214 10.88 -30.86 -3.89
N THR A 215 9.83 -30.83 -4.71
CA THR A 215 9.97 -30.52 -6.14
C THR A 215 8.89 -29.56 -6.62
N LEU A 216 9.30 -28.55 -7.39
CA LEU A 216 8.41 -27.74 -8.22
C LEU A 216 8.64 -28.06 -9.69
N LYS A 217 7.55 -28.13 -10.45
CA LYS A 217 7.64 -28.47 -11.88
C LYS A 217 6.80 -27.52 -12.72
N LEU A 218 7.41 -27.05 -13.81
CA LEU A 218 6.72 -26.25 -14.82
C LEU A 218 6.29 -27.14 -15.97
N TRP A 219 4.98 -27.16 -16.23
CA TRP A 219 4.42 -28.05 -17.25
C TRP A 219 3.78 -27.26 -18.38
N ASP A 220 4.03 -27.68 -19.62
CA ASP A 220 3.13 -27.37 -20.73
C ASP A 220 1.98 -28.37 -20.63
N TYR A 221 0.83 -27.94 -20.12
CA TYR A 221 -0.27 -28.88 -19.84
C TYR A 221 -0.96 -29.42 -21.10
N SER A 222 -0.98 -28.62 -22.16
CA SER A 222 -1.57 -29.06 -23.44
C SER A 222 -0.81 -30.21 -24.09
N LYS A 223 0.53 -30.15 -23.99
CA LYS A 223 1.40 -31.18 -24.53
C LYS A 223 1.62 -32.31 -23.54
N GLY A 224 1.20 -32.09 -22.29
CA GLY A 224 1.51 -32.99 -21.19
C GLY A 224 3.00 -33.12 -20.98
N LYS A 225 3.71 -31.99 -21.09
CA LYS A 225 5.18 -32.00 -21.06
C LYS A 225 5.75 -31.17 -19.92
N CYS A 226 6.61 -31.78 -19.10
CA CYS A 226 7.31 -31.05 -18.03
C CYS A 226 8.54 -30.36 -18.62
N LEU A 227 8.64 -29.05 -18.42
CA LEU A 227 9.70 -28.27 -19.04
C LEU A 227 10.83 -27.92 -18.08
N LYS A 228 10.50 -27.70 -16.81
CA LYS A 228 11.48 -27.30 -15.81
C LYS A 228 11.17 -27.96 -14.47
N THR A 229 12.21 -28.19 -13.67
CA THR A 229 12.09 -28.68 -12.31
C THR A 229 12.93 -27.74 -11.43
N TYR A 230 12.39 -27.34 -10.28
CA TYR A 230 13.11 -26.48 -9.34
C TYR A 230 13.23 -27.23 -8.02
N THR A 231 14.47 -27.43 -7.55
CA THR A 231 14.69 -28.27 -6.38
C THR A 231 15.64 -27.61 -5.40
N GLY A 232 15.91 -28.28 -4.28
CA GLY A 232 16.85 -27.74 -3.30
C GLY A 232 16.18 -27.20 -2.05
N HIS A 233 14.89 -26.85 -2.15
CA HIS A 233 14.11 -26.42 -1.00
C HIS A 233 13.50 -27.62 -0.25
N LYS A 234 12.85 -27.36 0.88
CA LYS A 234 12.21 -28.43 1.62
C LYS A 234 10.68 -28.28 1.55
N ASN A 235 10.02 -29.29 0.97
CA ASN A 235 8.55 -29.30 0.90
C ASN A 235 8.03 -30.72 0.85
N GLU A 236 7.78 -31.29 2.03
CA GLU A 236 7.27 -32.66 2.18
C GLU A 236 6.00 -32.76 2.99
N LYS A 237 5.60 -31.65 3.62
CA LYS A 237 4.54 -31.71 4.61
C LYS A 237 3.36 -30.77 4.33
N TYR A 238 3.64 -29.53 3.91
CA TYR A 238 2.61 -28.49 3.86
C TYR A 238 2.29 -28.03 2.45
N CYS A 239 1.11 -27.45 2.29
CA CYS A 239 0.72 -26.84 1.02
C CYS A 239 1.24 -25.40 0.98
N ILE A 240 2.43 -25.26 0.42
CA ILE A 240 3.15 -24.01 0.33
C ILE A 240 2.87 -23.38 -1.03
N PHE A 241 2.50 -22.09 -1.04
CA PHE A 241 2.30 -21.34 -2.29
C PHE A 241 3.63 -21.14 -3.04
N ALA A 242 3.56 -21.14 -4.36
CA ALA A 242 4.68 -20.75 -5.21
C ALA A 242 4.22 -19.68 -6.20
N ASN A 243 5.16 -18.94 -6.78
CA ASN A 243 4.83 -17.78 -7.62
C ASN A 243 5.77 -17.62 -8.79
N PHE A 244 5.29 -16.97 -9.84
CA PHE A 244 6.15 -16.42 -10.88
C PHE A 244 6.44 -14.97 -10.50
N SER A 245 7.70 -14.59 -10.50
CA SER A 245 8.07 -13.19 -10.28
C SER A 245 8.43 -12.60 -11.64
N VAL A 246 7.70 -11.57 -12.08
CA VAL A 246 7.84 -11.06 -13.46
C VAL A 246 8.09 -9.55 -13.57
N THR A 247 8.22 -8.88 -12.43
CA THR A 247 8.37 -7.42 -12.42
C THR A 247 9.78 -6.98 -12.83
N GLY A 248 10.78 -7.79 -12.48
CA GLY A 248 12.18 -7.54 -12.86
C GLY A 248 12.73 -8.75 -13.59
N GLY A 249 13.70 -9.43 -12.97
CA GLY A 249 14.14 -10.73 -13.48
C GLY A 249 13.03 -11.78 -13.42
N LYS A 250 13.08 -12.77 -14.31
CA LYS A 250 12.07 -13.82 -14.31
C LYS A 250 12.44 -14.95 -13.35
N TRP A 251 11.74 -14.97 -12.21
CA TRP A 251 12.04 -15.91 -11.13
C TRP A 251 10.86 -16.82 -10.80
N ILE A 252 11.17 -17.93 -10.16
CA ILE A 252 10.19 -18.73 -9.41
C ILE A 252 10.43 -18.46 -7.92
N VAL A 253 9.35 -18.23 -7.18
CA VAL A 253 9.47 -17.92 -5.75
C VAL A 253 8.61 -18.90 -4.94
N SER A 254 9.18 -19.48 -3.88
CA SER A 254 8.41 -20.37 -3.01
C SER A 254 8.86 -20.28 -1.55
N GLY A 255 7.95 -20.57 -0.63
CA GLY A 255 8.34 -20.85 0.76
C GLY A 255 8.99 -22.22 0.90
N SER A 256 9.41 -22.56 2.13
CA SER A 256 10.17 -23.78 2.34
C SER A 256 10.08 -24.17 3.80
N GLU A 257 10.18 -25.47 4.06
CA GLU A 257 10.01 -26.02 5.40
C GLU A 257 11.31 -25.93 6.20
N ASP A 258 12.34 -25.35 5.60
CA ASP A 258 13.56 -24.98 6.34
C ASP A 258 13.58 -23.49 6.73
N ASN A 259 12.40 -22.85 6.72
CA ASN A 259 12.22 -21.48 7.20
C ASN A 259 12.72 -20.39 6.24
N LEU A 260 13.04 -20.78 5.01
CA LEU A 260 13.58 -19.83 4.03
C LEU A 260 12.61 -19.57 2.89
N VAL A 261 12.73 -18.39 2.27
CA VAL A 261 12.11 -18.13 0.97
C VAL A 261 13.15 -18.48 -0.09
N TYR A 262 12.79 -19.37 -1.01
CA TYR A 262 13.65 -19.70 -2.16
C TYR A 262 13.25 -18.94 -3.40
N ILE A 263 14.27 -18.52 -4.15
CA ILE A 263 14.08 -17.86 -5.45
C ILE A 263 14.98 -18.55 -6.48
N TRP A 264 14.38 -19.01 -7.57
CA TRP A 264 15.12 -19.67 -8.65
C TRP A 264 15.06 -18.84 -9.93
N ASN A 265 16.08 -19.00 -10.77
CA ASN A 265 16.02 -18.50 -12.14
C ASN A 265 15.06 -19.41 -12.90
N LEU A 266 14.03 -18.82 -13.50
CA LEU A 266 12.98 -19.60 -14.17
C LEU A 266 13.55 -20.47 -15.31
N GLN A 267 14.46 -19.90 -16.10
CA GLN A 267 15.03 -20.61 -17.24
C GLN A 267 16.13 -21.60 -16.88
N THR A 268 17.06 -21.17 -16.04
CA THR A 268 18.21 -21.99 -15.72
C THR A 268 17.93 -22.96 -14.57
N LYS A 269 16.87 -22.70 -13.81
CA LYS A 269 16.49 -23.53 -12.63
C LYS A 269 17.44 -23.40 -11.43
N GLU A 270 18.43 -22.51 -11.49
CA GLU A 270 19.38 -22.35 -10.39
C GLU A 270 18.78 -21.53 -9.26
N ILE A 271 19.10 -21.87 -8.01
CA ILE A 271 18.70 -21.02 -6.88
C ILE A 271 19.52 -19.73 -6.94
N VAL A 272 18.83 -18.59 -6.95
CA VAL A 272 19.52 -17.30 -7.06
C VAL A 272 19.54 -16.49 -5.75
N GLN A 273 18.62 -16.81 -4.85
CA GLN A 273 18.61 -16.22 -3.51
C GLN A 273 17.81 -17.08 -2.54
N LYS A 274 18.22 -17.07 -1.27
CA LYS A 274 17.44 -17.64 -0.20
C LYS A 274 17.29 -16.59 0.90
N LEU A 275 16.05 -16.28 1.25
CA LEU A 275 15.81 -15.18 2.19
C LEU A 275 15.66 -15.72 3.60
N GLN A 276 16.56 -15.28 4.48
CA GLN A 276 16.62 -15.78 5.85
C GLN A 276 15.98 -14.77 6.80
N GLY A 277 15.25 -15.25 7.81
CA GLY A 277 14.66 -14.38 8.82
C GLY A 277 13.51 -14.99 9.58
N HIS A 278 12.65 -15.74 8.86
CA HIS A 278 11.53 -16.42 9.53
C HIS A 278 12.04 -17.50 10.48
N THR A 279 11.24 -17.80 11.50
CA THR A 279 11.63 -18.81 12.50
C THR A 279 10.66 -20.01 12.48
N ASP A 280 9.96 -20.17 11.36
CA ASP A 280 9.15 -21.37 11.15
C ASP A 280 8.91 -21.49 9.64
N VAL A 281 8.26 -22.58 9.26
CA VAL A 281 7.96 -22.91 7.86
C VAL A 281 7.37 -21.69 7.17
N VAL A 282 7.92 -21.34 6.00
CA VAL A 282 7.33 -20.26 5.19
C VAL A 282 6.24 -20.89 4.32
N ILE A 283 5.00 -20.74 4.77
CA ILE A 283 3.86 -21.43 4.14
C ILE A 283 3.40 -20.70 2.90
N SER A 284 3.69 -19.40 2.82
CA SER A 284 3.13 -18.61 1.75
C SER A 284 4.05 -17.47 1.38
N THR A 285 4.11 -17.19 0.09
CA THR A 285 4.81 -16.06 -0.47
C THR A 285 3.90 -15.44 -1.53
N ALA A 286 4.09 -14.15 -1.79
CA ALA A 286 3.35 -13.44 -2.85
C ALA A 286 4.28 -12.41 -3.47
N CYS A 287 4.11 -12.17 -4.78
CA CYS A 287 4.94 -11.24 -5.53
C CYS A 287 4.08 -10.04 -5.89
N HIS A 288 4.61 -8.85 -5.59
CA HIS A 288 3.90 -7.59 -5.88
C HIS A 288 3.63 -7.43 -7.38
N PRO A 289 2.43 -6.92 -7.76
CA PRO A 289 2.08 -6.80 -9.19
C PRO A 289 2.96 -5.89 -10.03
N THR A 290 3.60 -4.87 -9.46
CA THR A 290 4.37 -3.92 -10.29
C THR A 290 5.78 -3.64 -9.79
N GLU A 291 5.99 -3.81 -8.48
CA GLU A 291 7.29 -3.59 -7.87
C GLU A 291 8.01 -4.90 -7.55
N ASN A 292 9.33 -4.85 -7.40
CA ASN A 292 10.09 -6.03 -6.99
C ASN A 292 10.00 -6.23 -5.47
N ILE A 293 8.80 -6.64 -5.03
CA ILE A 293 8.48 -6.81 -3.60
C ILE A 293 7.85 -8.18 -3.40
N ILE A 294 8.37 -8.91 -2.41
CA ILE A 294 7.83 -10.21 -2.00
C ILE A 294 7.28 -10.08 -0.58
N ALA A 295 6.10 -10.67 -0.35
CA ALA A 295 5.58 -10.89 0.99
C ALA A 295 5.73 -12.37 1.34
N SER A 296 6.18 -12.67 2.55
CA SER A 296 6.27 -14.05 3.02
C SER A 296 5.60 -14.20 4.38
N ALA A 297 5.12 -15.39 4.70
CA ALA A 297 4.42 -15.61 5.96
C ALA A 297 4.72 -17.00 6.53
N ALA A 298 4.75 -17.11 7.86
CA ALA A 298 5.24 -18.31 8.52
C ALA A 298 4.27 -18.90 9.55
N LEU A 299 4.55 -20.14 9.94
CA LEU A 299 3.73 -20.90 10.85
C LEU A 299 3.89 -20.50 12.33
N GLU A 300 3.40 -21.34 13.23
CA GLU A 300 3.10 -21.04 14.63
C GLU A 300 4.25 -20.50 15.48
N ASN A 301 5.48 -20.94 15.23
CA ASN A 301 6.62 -20.46 16.02
C ASN A 301 6.95 -19.00 15.68
N ASP A 302 6.39 -18.52 14.57
CA ASP A 302 6.76 -17.25 13.99
C ASP A 302 5.55 -16.30 13.96
N LYS A 303 4.53 -16.65 13.16
CA LYS A 303 3.24 -15.89 13.08
C LYS A 303 3.35 -14.50 12.43
N THR A 304 4.46 -14.23 11.76
CA THR A 304 4.68 -12.93 11.15
C THR A 304 4.71 -13.00 9.63
N ILE A 305 4.51 -11.84 9.03
CA ILE A 305 4.60 -11.61 7.60
C ILE A 305 5.79 -10.70 7.39
N LYS A 306 6.63 -11.03 6.41
CA LYS A 306 7.76 -10.19 6.10
C LYS A 306 7.65 -9.62 4.70
N LEU A 307 8.05 -8.36 4.54
CA LEU A 307 8.10 -7.68 3.23
C LEU A 307 9.55 -7.46 2.82
N TRP A 308 9.88 -7.88 1.59
CA TRP A 308 11.24 -7.80 1.08
C TRP A 308 11.26 -7.02 -0.23
N LYS A 309 12.33 -6.29 -0.46
CA LYS A 309 12.47 -5.45 -1.65
C LYS A 309 13.80 -5.68 -2.36
N SER A 310 13.74 -5.74 -3.69
CA SER A 310 14.91 -5.95 -4.57
C SER A 310 15.03 -4.85 -5.62
N ASP A 311 16.26 -4.62 -6.09
CA ASP A 311 16.50 -3.70 -7.21
C ASP A 311 16.13 -4.31 -8.57
N CYS A 312 16.01 -5.63 -8.64
CA CYS A 312 15.67 -6.31 -9.89
C CYS A 312 14.94 -7.61 -9.61
N THR B 7 -17.82 6.30 19.17
CA THR B 7 -16.91 7.28 18.51
C THR B 7 -16.83 8.63 19.27
N PRO B 8 -15.68 9.31 19.20
CA PRO B 8 -15.50 10.55 19.96
C PRO B 8 -16.41 11.66 19.45
N VAL B 9 -17.06 12.37 20.37
CA VAL B 9 -17.75 13.61 20.01
C VAL B 9 -16.67 14.69 19.77
N LYS B 10 -15.62 14.68 20.59
CA LYS B 10 -14.54 15.67 20.50
C LYS B 10 -13.20 15.07 20.94
N PRO B 11 -12.09 15.46 20.29
CA PRO B 11 -10.79 15.03 20.81
C PRO B 11 -10.37 15.94 21.97
N ASN B 12 -9.27 15.60 22.64
CA ASN B 12 -8.79 16.41 23.75
C ASN B 12 -7.30 16.68 23.65
N TYR B 13 -6.83 17.00 22.45
CA TYR B 13 -5.43 17.34 22.21
C TYR B 13 -4.88 18.31 23.24
N ALA B 14 -3.79 17.91 23.89
CA ALA B 14 -3.15 18.74 24.90
C ALA B 14 -1.68 18.87 24.56
N LEU B 15 -1.09 20.03 24.86
CA LEU B 15 0.30 20.29 24.51
C LEU B 15 1.25 19.39 25.30
N LYS B 16 2.10 18.64 24.60
CA LYS B 16 3.07 17.78 25.30
C LYS B 16 4.50 18.32 25.22
N PHE B 17 4.88 18.86 24.06
CA PHE B 17 6.26 19.31 23.83
C PHE B 17 6.29 20.51 22.90
N THR B 18 7.24 21.41 23.15
CA THR B 18 7.52 22.52 22.25
C THR B 18 8.95 22.35 21.78
N LEU B 19 9.12 22.37 20.46
CA LEU B 19 10.38 22.05 19.83
C LEU B 19 11.01 23.29 19.22
N ALA B 20 12.09 23.78 19.85
CA ALA B 20 12.76 24.99 19.39
C ALA B 20 14.10 24.68 18.75
N GLY B 21 14.51 25.49 17.78
CA GLY B 21 15.81 25.28 17.18
C GLY B 21 15.98 25.96 15.84
N HIS B 22 14.90 26.03 15.06
CA HIS B 22 14.96 26.71 13.78
C HIS B 22 15.15 28.20 14.01
N THR B 23 15.86 28.87 13.09
CA THR B 23 16.27 30.26 13.31
C THR B 23 15.48 31.24 12.46
N LYS B 24 14.66 30.68 11.58
CA LYS B 24 13.64 31.43 10.88
C LYS B 24 12.34 30.63 10.94
N ALA B 25 11.27 31.25 10.43
CA ALA B 25 9.97 30.60 10.30
C ALA B 25 10.08 29.14 9.85
N VAL B 26 9.25 28.30 10.45
CA VAL B 26 9.14 26.89 10.01
C VAL B 26 8.15 26.86 8.83
N SER B 27 8.42 26.01 7.84
CA SER B 27 7.56 25.90 6.65
C SER B 27 6.71 24.60 6.59
N SER B 28 7.24 23.49 7.08
CA SER B 28 6.57 22.19 6.93
C SER B 28 7.03 21.21 8.00
N VAL B 29 6.07 20.47 8.56
CA VAL B 29 6.38 19.32 9.43
C VAL B 29 5.72 18.06 8.90
N LYS B 30 6.45 16.94 8.94
CA LYS B 30 5.93 15.64 8.49
C LYS B 30 6.44 14.53 9.41
N PHE B 31 5.53 13.66 9.83
CA PHE B 31 5.92 12.45 10.58
C PHE B 31 6.40 11.37 9.61
N SER B 32 7.45 10.62 9.99
CA SER B 32 7.90 9.47 9.20
C SER B 32 6.77 8.45 9.15
N PRO B 33 6.64 7.74 8.01
CA PRO B 33 5.64 6.69 7.93
C PRO B 33 5.75 5.65 9.05
N ASN B 34 6.96 5.44 9.59
CA ASN B 34 7.16 4.45 10.63
C ASN B 34 6.83 4.99 12.04
N GLY B 35 6.47 6.27 12.09
CA GLY B 35 5.98 6.89 13.32
C GLY B 35 7.03 7.31 14.32
N GLU B 36 8.32 7.05 14.02
CA GLU B 36 9.40 7.36 14.98
C GLU B 36 9.89 8.79 15.01
N TRP B 37 9.75 9.49 13.87
CA TRP B 37 10.39 10.79 13.68
C TRP B 37 9.44 11.85 13.17
N LEU B 38 9.77 13.09 13.47
CA LEU B 38 9.20 14.25 12.81
C LEU B 38 10.31 14.97 12.06
N ALA B 39 10.08 15.28 10.79
CA ALA B 39 10.98 16.15 10.04
C ALA B 39 10.39 17.53 9.92
N SER B 40 11.23 18.56 10.05
CA SER B 40 10.79 19.92 9.81
C SER B 40 11.70 20.61 8.82
N SER B 41 11.11 21.47 8.00
CA SER B 41 11.86 22.32 7.09
C SER B 41 11.58 23.79 7.48
N SER B 42 12.49 24.67 7.08
CA SER B 42 12.40 26.08 7.50
C SER B 42 12.98 27.05 6.45
N ALA B 43 12.56 28.30 6.52
CA ALA B 43 13.22 29.39 5.79
C ALA B 43 14.71 29.52 6.14
N ASP B 44 15.13 28.90 7.24
CA ASP B 44 16.55 28.94 7.65
C ASP B 44 17.47 28.03 6.83
N LYS B 45 16.94 27.43 5.75
CA LYS B 45 17.66 26.51 4.83
C LYS B 45 17.88 25.11 5.42
N LEU B 46 17.29 24.83 6.59
CA LEU B 46 17.59 23.59 7.30
C LEU B 46 16.44 22.62 7.41
N ILE B 47 16.78 21.33 7.45
CA ILE B 47 15.87 20.29 7.85
C ILE B 47 16.32 19.83 9.21
N LYS B 48 15.38 19.64 10.11
CA LYS B 48 15.69 19.07 11.42
C LYS B 48 14.84 17.83 11.64
N ILE B 49 15.40 16.86 12.34
CA ILE B 49 14.70 15.63 12.70
C ILE B 49 14.56 15.61 14.23
N TRP B 50 13.37 15.22 14.69
CA TRP B 50 13.05 15.20 16.11
C TRP B 50 12.39 13.85 16.44
N GLY B 51 12.60 13.34 17.65
CA GLY B 51 11.83 12.16 18.10
C GLY B 51 10.34 12.50 18.10
N ALA B 52 9.53 11.64 17.48
CA ALA B 52 8.07 11.88 17.40
C ALA B 52 7.35 11.82 18.76
N TYR B 53 7.91 11.06 19.70
CA TYR B 53 7.25 10.83 21.00
C TYR B 53 7.75 11.73 22.12
N ASP B 54 9.04 12.06 22.10
CA ASP B 54 9.61 12.89 23.16
C ASP B 54 10.02 14.30 22.68
N GLY B 55 9.93 14.53 21.37
CA GLY B 55 10.29 15.82 20.81
C GLY B 55 11.78 16.17 20.90
N LYS B 56 12.62 15.19 21.20
CA LYS B 56 14.05 15.47 21.36
C LYS B 56 14.72 15.67 20.02
N PHE B 57 15.49 16.75 19.93
CA PHE B 57 16.29 17.04 18.74
C PHE B 57 17.19 15.84 18.39
N GLU B 58 17.14 15.44 17.12
CA GLU B 58 17.90 14.28 16.65
C GLU B 58 19.09 14.75 15.80
N LYS B 59 18.82 15.44 14.69
CA LYS B 59 19.88 15.97 13.84
C LYS B 59 19.42 17.15 12.97
N THR B 60 20.40 17.93 12.50
CA THR B 60 20.17 18.95 11.48
C THR B 60 20.72 18.43 10.16
N ILE B 61 19.97 18.67 9.09
CA ILE B 61 20.36 18.26 7.75
C ILE B 61 20.48 19.52 6.90
N SER B 62 21.68 19.77 6.40
CA SER B 62 21.97 21.04 5.75
C SER B 62 22.53 20.83 4.35
N GLY B 63 22.38 21.83 3.50
CA GLY B 63 22.93 21.79 2.16
C GLY B 63 22.26 22.72 1.17
N HIS B 64 20.96 22.95 1.33
CA HIS B 64 20.26 23.88 0.44
C HIS B 64 20.87 25.28 0.59
N LYS B 65 20.84 26.07 -0.49
CA LYS B 65 21.44 27.42 -0.48
C LYS B 65 20.45 28.50 -0.08
N LEU B 66 19.16 28.18 -0.18
CA LEU B 66 18.11 29.10 0.23
C LEU B 66 17.03 28.35 1.01
N GLY B 67 16.02 29.08 1.46
CA GLY B 67 14.93 28.54 2.30
C GLY B 67 14.28 27.31 1.70
N ILE B 68 13.69 26.49 2.58
CA ILE B 68 12.99 25.28 2.18
C ILE B 68 11.50 25.45 2.47
N SER B 69 10.64 25.12 1.50
CA SER B 69 9.18 25.26 1.65
C SER B 69 8.46 23.96 2.00
N ASP B 70 9.13 22.83 1.78
CA ASP B 70 8.48 21.54 1.98
C ASP B 70 9.51 20.44 2.14
N VAL B 71 9.12 19.39 2.86
CA VAL B 71 9.93 18.17 3.02
C VAL B 71 8.97 16.95 3.01
N ALA B 72 9.43 15.80 2.51
CA ALA B 72 8.58 14.61 2.48
C ALA B 72 9.41 13.35 2.68
N TRP B 73 8.79 12.33 3.27
CA TRP B 73 9.42 11.04 3.58
C TRP B 73 9.13 9.99 2.52
N SER B 74 10.10 9.12 2.27
CA SER B 74 9.81 7.86 1.53
C SER B 74 9.06 6.87 2.43
N SER B 75 8.44 5.87 1.81
CA SER B 75 7.59 4.93 2.53
C SER B 75 8.32 4.09 3.57
N ASP B 76 9.60 3.80 3.33
CA ASP B 76 10.42 3.05 4.29
C ASP B 76 11.09 3.93 5.35
N SER B 77 10.75 5.22 5.34
CA SER B 77 11.30 6.23 6.28
C SER B 77 12.81 6.46 6.18
N ASN B 78 13.42 5.96 5.10
CA ASN B 78 14.88 6.00 4.97
C ASN B 78 15.40 7.22 4.20
N LEU B 79 14.50 7.84 3.43
CA LEU B 79 14.84 8.97 2.59
C LEU B 79 13.94 10.15 2.88
N LEU B 80 14.49 11.35 2.71
CA LEU B 80 13.72 12.58 2.69
C LEU B 80 13.92 13.27 1.35
N VAL B 81 12.91 14.01 0.90
CA VAL B 81 13.10 14.97 -0.17
C VAL B 81 12.68 16.36 0.34
N SER B 82 13.39 17.40 -0.11
CA SER B 82 13.11 18.78 0.22
C SER B 82 12.99 19.65 -1.04
N ALA B 83 12.18 20.70 -0.93
CA ALA B 83 11.89 21.62 -2.02
C ALA B 83 12.35 23.01 -1.58
N SER B 84 13.28 23.59 -2.34
CA SER B 84 13.90 24.85 -1.93
C SER B 84 13.74 26.03 -2.90
N ASP B 85 13.77 27.24 -2.34
CA ASP B 85 13.87 28.46 -3.14
C ASP B 85 15.11 28.48 -4.04
N ASP B 86 16.08 27.61 -3.76
CA ASP B 86 17.29 27.54 -4.60
C ASP B 86 17.03 26.86 -5.96
N LYS B 87 15.75 26.54 -6.22
CA LYS B 87 15.28 25.96 -7.51
C LYS B 87 15.54 24.46 -7.65
N THR B 88 16.04 23.84 -6.58
CA THR B 88 16.34 22.41 -6.58
C THR B 88 15.51 21.69 -5.53
N LEU B 89 15.44 20.38 -5.71
CA LEU B 89 15.08 19.48 -4.63
C LEU B 89 16.32 18.68 -4.30
N LYS B 90 16.42 18.26 -3.04
CA LYS B 90 17.50 17.36 -2.67
C LYS B 90 16.91 16.11 -2.06
N ILE B 91 17.50 14.97 -2.39
CA ILE B 91 17.16 13.69 -1.73
C ILE B 91 18.25 13.39 -0.68
N TRP B 92 17.80 13.09 0.53
CA TRP B 92 18.67 12.89 1.66
C TRP B 92 18.56 11.47 2.20
N ASP B 93 19.70 10.92 2.61
CA ASP B 93 19.75 9.71 3.41
C ASP B 93 19.50 10.10 4.86
N VAL B 94 18.38 9.62 5.44
CA VAL B 94 17.97 10.00 6.81
C VAL B 94 19.01 9.57 7.88
N SER B 95 19.58 8.37 7.71
CA SER B 95 20.55 7.82 8.66
C SER B 95 21.81 8.68 8.78
N SER B 96 22.39 9.03 7.63
CA SER B 96 23.67 9.75 7.57
C SER B 96 23.53 11.26 7.48
N GLY B 97 22.35 11.73 7.10
CA GLY B 97 22.12 13.16 6.87
C GLY B 97 22.70 13.65 5.56
N LYS B 98 23.19 12.74 4.73
CA LYS B 98 23.89 13.13 3.50
C LYS B 98 22.97 13.34 2.32
N CYS B 99 23.31 14.32 1.49
CA CYS B 99 22.62 14.57 0.23
C CYS B 99 23.00 13.49 -0.79
N LEU B 100 22.02 12.70 -1.21
CA LEU B 100 22.24 11.64 -2.19
C LEU B 100 22.21 12.16 -3.63
N LYS B 101 21.25 13.05 -3.91
CA LYS B 101 20.95 13.56 -5.26
C LYS B 101 20.45 15.00 -5.13
N THR B 102 20.80 15.85 -6.09
CA THR B 102 20.20 17.17 -6.24
C THR B 102 19.41 17.18 -7.54
N LEU B 103 18.11 17.47 -7.45
CA LEU B 103 17.19 17.43 -8.60
C LEU B 103 17.04 18.81 -9.24
N LYS B 104 17.65 18.96 -10.41
CA LYS B 104 17.76 20.25 -11.08
C LYS B 104 16.91 20.29 -12.33
N GLY B 105 16.23 21.40 -12.55
CA GLY B 105 15.39 21.54 -13.71
C GLY B 105 14.36 22.64 -13.61
N HIS B 106 13.77 22.81 -12.43
CA HIS B 106 12.89 23.95 -12.21
C HIS B 106 13.62 25.28 -12.41
N SER B 107 12.89 26.29 -12.89
CA SER B 107 13.48 27.60 -13.18
C SER B 107 13.08 28.67 -12.17
N ASN B 108 12.48 28.24 -11.06
CA ASN B 108 12.04 29.14 -10.01
C ASN B 108 11.87 28.30 -8.75
N TYR B 109 11.47 28.94 -7.64
CA TYR B 109 11.31 28.25 -6.35
C TYR B 109 10.56 26.95 -6.48
N VAL B 110 11.07 25.92 -5.81
CA VAL B 110 10.35 24.67 -5.68
C VAL B 110 9.61 24.78 -4.34
N PHE B 111 8.30 24.56 -4.39
CA PHE B 111 7.41 24.93 -3.29
C PHE B 111 6.88 23.71 -2.53
N CYS B 112 6.74 22.61 -3.25
CA CYS B 112 6.07 21.42 -2.73
C CYS B 112 6.63 20.14 -3.33
N CYS B 113 6.58 19.05 -2.56
CA CYS B 113 7.15 17.77 -3.00
C CYS B 113 6.52 16.59 -2.27
N ASN B 114 6.61 15.39 -2.88
CA ASN B 114 6.08 14.18 -2.29
C ASN B 114 6.68 12.99 -3.02
N PHE B 115 6.96 11.91 -2.30
CA PHE B 115 7.22 10.61 -2.92
C PHE B 115 5.91 9.94 -3.28
N ASN B 116 5.93 9.08 -4.30
CA ASN B 116 4.85 8.13 -4.49
C ASN B 116 4.94 7.02 -3.43
N PRO B 117 3.83 6.31 -3.20
CA PRO B 117 3.88 5.20 -2.24
C PRO B 117 5.02 4.21 -2.50
N GLN B 118 5.22 3.86 -3.76
CA GLN B 118 6.31 2.99 -4.19
C GLN B 118 7.69 3.57 -3.86
N SER B 119 7.76 4.90 -3.79
CA SER B 119 8.97 5.66 -3.45
C SER B 119 10.08 5.57 -4.49
N ASN B 120 9.69 5.27 -5.72
CA ASN B 120 10.59 5.29 -6.87
C ASN B 120 10.47 6.60 -7.67
N LEU B 121 9.47 7.42 -7.34
CA LEU B 121 9.26 8.70 -8.00
C LEU B 121 9.13 9.80 -6.97
N ILE B 122 9.48 11.02 -7.38
CA ILE B 122 9.13 12.23 -6.65
C ILE B 122 8.35 13.15 -7.57
N VAL B 123 7.31 13.79 -7.01
CA VAL B 123 6.57 14.84 -7.69
C VAL B 123 6.93 16.18 -7.02
N SER B 124 7.09 17.23 -7.82
CA SER B 124 7.35 18.56 -7.28
C SER B 124 6.51 19.61 -7.98
N GLY B 125 6.26 20.71 -7.29
CA GLY B 125 5.53 21.84 -7.85
C GLY B 125 6.35 23.08 -7.60
N SER B 126 6.30 24.02 -8.56
CA SER B 126 7.19 25.17 -8.54
C SER B 126 6.47 26.47 -8.88
N PHE B 127 7.10 27.57 -8.49
CA PHE B 127 6.71 28.90 -8.92
C PHE B 127 6.86 29.08 -10.44
N ASP B 128 7.64 28.21 -11.06
CA ASP B 128 7.75 28.19 -12.53
C ASP B 128 6.50 27.63 -13.22
N GLU B 129 5.49 27.29 -12.42
CA GLU B 129 4.15 26.91 -12.91
C GLU B 129 4.06 25.48 -13.44
N SER B 130 5.15 24.72 -13.32
CA SER B 130 5.16 23.32 -13.74
C SER B 130 5.11 22.34 -12.57
N VAL B 131 4.71 21.12 -12.90
CA VAL B 131 4.85 19.95 -12.04
C VAL B 131 5.89 19.05 -12.71
N ARG B 132 6.87 18.59 -11.93
CA ARG B 132 7.88 17.66 -12.47
C ARG B 132 7.81 16.32 -11.74
N ILE B 133 8.02 15.25 -12.51
CA ILE B 133 8.10 13.89 -11.97
C ILE B 133 9.53 13.43 -12.17
N TRP B 134 10.16 13.00 -11.07
CA TRP B 134 11.59 12.66 -11.03
C TRP B 134 11.82 11.19 -10.68
N ASP B 135 12.84 10.60 -11.29
CA ASP B 135 13.27 9.25 -10.93
C ASP B 135 14.19 9.30 -9.70
N VAL B 136 13.76 8.68 -8.61
CA VAL B 136 14.52 8.67 -7.35
C VAL B 136 15.91 8.06 -7.51
N LYS B 137 15.99 6.94 -8.23
CA LYS B 137 17.23 6.17 -8.37
C LYS B 137 18.28 6.95 -9.16
N THR B 138 17.87 7.63 -10.24
CA THR B 138 18.83 8.33 -11.11
C THR B 138 18.93 9.84 -10.87
N GLY B 139 17.91 10.40 -10.24
CA GLY B 139 17.85 11.84 -10.00
C GLY B 139 17.45 12.64 -11.23
N LYS B 140 17.05 11.94 -12.29
CA LYS B 140 16.67 12.62 -13.54
C LYS B 140 15.19 12.97 -13.58
N CYS B 141 14.90 14.10 -14.20
CA CYS B 141 13.52 14.48 -14.43
C CYS B 141 12.95 13.57 -15.51
N LEU B 142 11.84 12.89 -15.19
CA LEU B 142 11.19 12.02 -16.18
C LEU B 142 10.17 12.75 -17.01
N LYS B 143 9.40 13.62 -16.37
CA LYS B 143 8.35 14.37 -17.06
C LYS B 143 8.26 15.78 -16.50
N THR B 144 8.00 16.74 -17.38
CA THR B 144 7.63 18.09 -16.98
C THR B 144 6.21 18.34 -17.50
N LEU B 145 5.28 18.57 -16.58
CA LEU B 145 3.90 18.82 -16.94
C LEU B 145 3.66 20.31 -16.93
N PRO B 146 3.12 20.85 -18.04
CA PRO B 146 2.77 22.26 -18.06
C PRO B 146 1.44 22.44 -17.32
N ALA B 147 1.52 22.34 -15.99
CA ALA B 147 0.37 22.06 -15.16
C ALA B 147 -0.59 23.22 -14.94
N HIS B 148 -0.03 24.41 -14.71
CA HIS B 148 -0.80 25.56 -14.23
C HIS B 148 -0.31 26.87 -14.82
N SER B 149 -1.00 27.96 -14.54
CA SER B 149 -0.63 29.26 -15.09
C SER B 149 -0.27 30.27 -13.99
N ASP B 150 0.07 29.75 -12.81
CA ASP B 150 0.57 30.52 -11.68
C ASP B 150 1.31 29.51 -10.79
N PRO B 151 2.00 29.98 -9.73
CA PRO B 151 2.71 29.02 -8.88
C PRO B 151 1.89 27.78 -8.43
N VAL B 152 2.55 26.64 -8.43
CA VAL B 152 1.97 25.38 -7.96
C VAL B 152 2.19 25.25 -6.43
N SER B 153 1.08 25.22 -5.70
CA SER B 153 1.09 25.30 -4.23
C SER B 153 1.20 23.92 -3.53
N ALA B 154 0.76 22.86 -4.20
CA ALA B 154 0.75 21.51 -3.60
C ALA B 154 0.75 20.43 -4.67
N VAL B 155 1.37 19.29 -4.36
CA VAL B 155 1.39 18.10 -5.23
C VAL B 155 1.34 16.87 -4.32
N HIS B 156 0.56 15.86 -4.70
CA HIS B 156 0.33 14.70 -3.82
C HIS B 156 -0.05 13.50 -4.67
N PHE B 157 0.53 12.34 -4.35
CA PHE B 157 0.12 11.08 -4.98
C PHE B 157 -1.04 10.44 -4.22
N ASN B 158 -1.90 9.74 -4.94
CA ASN B 158 -2.91 8.90 -4.31
C ASN B 158 -2.31 7.59 -3.73
N ARG B 159 -3.17 6.83 -3.04
CA ARG B 159 -2.74 5.65 -2.27
C ARG B 159 -2.01 4.57 -3.09
N ASP B 160 -2.40 4.41 -4.36
CA ASP B 160 -1.74 3.41 -5.20
C ASP B 160 -0.66 3.95 -6.13
N GLY B 161 -0.46 5.26 -6.09
CA GLY B 161 0.58 5.93 -6.86
C GLY B 161 0.21 6.24 -8.31
N SER B 162 -0.99 5.85 -8.74
CA SER B 162 -1.37 5.98 -10.16
C SER B 162 -1.83 7.40 -10.53
N LEU B 163 -2.18 8.21 -9.53
CA LEU B 163 -2.64 9.60 -9.75
C LEU B 163 -1.85 10.62 -8.95
N ILE B 164 -1.78 11.83 -9.50
CA ILE B 164 -1.22 13.00 -8.84
C ILE B 164 -2.32 14.07 -8.81
N VAL B 165 -2.46 14.78 -7.69
CA VAL B 165 -3.29 15.99 -7.65
C VAL B 165 -2.37 17.20 -7.48
N SER B 166 -2.68 18.27 -8.19
CA SER B 166 -1.96 19.54 -8.03
C SER B 166 -2.94 20.69 -7.78
N SER B 167 -2.46 21.72 -7.11
CA SER B 167 -3.25 22.92 -6.90
C SER B 167 -2.39 24.13 -7.25
N SER B 168 -3.03 25.24 -7.59
CA SER B 168 -2.32 26.45 -7.96
C SER B 168 -3.04 27.73 -7.54
N TYR B 169 -2.24 28.78 -7.42
CA TYR B 169 -2.73 30.15 -7.32
C TYR B 169 -3.61 30.55 -8.51
N ASP B 170 -3.53 29.80 -9.60
CA ASP B 170 -4.39 30.06 -10.78
C ASP B 170 -5.88 29.72 -10.53
N GLY B 171 -6.15 29.06 -9.40
CA GLY B 171 -7.50 28.72 -8.98
C GLY B 171 -7.97 27.32 -9.33
N LEU B 172 -7.07 26.53 -9.93
CA LEU B 172 -7.41 25.19 -10.38
C LEU B 172 -6.86 24.09 -9.48
N CYS B 173 -7.61 22.98 -9.39
CA CYS B 173 -7.03 21.71 -8.97
C CYS B 173 -7.06 20.81 -10.19
N ARG B 174 -6.00 20.04 -10.36
CA ARG B 174 -5.91 19.13 -11.51
C ARG B 174 -5.51 17.73 -11.07
N ILE B 175 -6.14 16.73 -11.68
CA ILE B 175 -5.80 15.33 -11.43
C ILE B 175 -5.04 14.82 -12.65
N TRP B 176 -3.89 14.19 -12.40
CA TRP B 176 -2.99 13.72 -13.46
C TRP B 176 -2.76 12.22 -13.39
N ASP B 177 -2.62 11.59 -14.56
CA ASP B 177 -2.19 10.20 -14.61
C ASP B 177 -0.66 10.13 -14.44
N THR B 178 -0.19 9.41 -13.42
CA THR B 178 1.24 9.33 -13.14
C THR B 178 2.06 8.77 -14.30
N ALA B 179 1.63 7.62 -14.83
CA ALA B 179 2.35 6.91 -15.89
C ALA B 179 2.55 7.71 -17.18
N SER B 180 1.52 8.44 -17.59
CA SER B 180 1.53 9.15 -18.87
C SER B 180 1.71 10.66 -18.74
N GLY B 181 1.47 11.19 -17.54
CA GLY B 181 1.55 12.64 -17.31
C GLY B 181 0.36 13.42 -17.86
N GLN B 182 -0.67 12.71 -18.31
CA GLN B 182 -1.84 13.36 -18.89
C GLN B 182 -2.79 13.86 -17.82
N CYS B 183 -3.37 15.03 -18.07
CA CYS B 183 -4.37 15.62 -17.17
C CYS B 183 -5.72 14.92 -17.35
N LEU B 184 -6.24 14.36 -16.27
CA LEU B 184 -7.50 13.63 -16.31
C LEU B 184 -8.69 14.51 -15.96
N LYS B 185 -8.50 15.46 -15.06
CA LYS B 185 -9.63 16.26 -14.59
C LYS B 185 -9.16 17.60 -14.08
N THR B 186 -9.95 18.64 -14.36
CA THR B 186 -9.70 19.98 -13.83
C THR B 186 -10.92 20.38 -13.00
N LEU B 187 -10.66 20.80 -11.75
CA LEU B 187 -11.73 21.26 -10.87
C LEU B 187 -11.72 22.78 -10.79
N ILE B 188 -12.87 23.39 -11.06
CA ILE B 188 -12.96 24.84 -11.14
C ILE B 188 -13.98 25.41 -10.16
N ASP B 189 -13.79 26.68 -9.84
CA ASP B 189 -14.71 27.41 -9.00
C ASP B 189 -14.99 28.70 -9.73
N ASP B 190 -16.26 29.10 -9.81
CA ASP B 190 -16.64 30.31 -10.56
C ASP B 190 -16.03 31.61 -10.02
N ASP B 191 -15.80 31.70 -8.71
CA ASP B 191 -15.12 32.87 -8.13
C ASP B 191 -13.60 32.79 -8.24
N ASN B 192 -13.10 31.57 -8.46
CA ASN B 192 -11.71 31.33 -8.77
C ASN B 192 -10.66 31.77 -7.72
N PRO B 193 -10.90 31.50 -6.43
CA PRO B 193 -9.88 31.86 -5.43
C PRO B 193 -8.59 31.02 -5.62
N PRO B 194 -7.41 31.59 -5.27
CA PRO B 194 -6.17 30.81 -5.32
C PRO B 194 -6.32 29.52 -4.52
N VAL B 195 -5.87 28.41 -5.08
CA VAL B 195 -5.87 27.14 -4.34
C VAL B 195 -4.49 26.96 -3.71
N SER B 196 -4.47 26.97 -2.38
CA SER B 196 -3.22 27.07 -1.61
C SER B 196 -2.72 25.72 -1.09
N PHE B 197 -3.57 24.70 -1.10
CA PHE B 197 -3.21 23.35 -0.67
C PHE B 197 -4.20 22.32 -1.22
N VAL B 198 -3.71 21.12 -1.48
CA VAL B 198 -4.55 20.02 -1.88
C VAL B 198 -3.87 18.69 -1.53
N LYS B 199 -4.68 17.69 -1.20
CA LYS B 199 -4.20 16.31 -0.99
C LYS B 199 -5.35 15.33 -1.15
N PHE B 200 -5.03 14.09 -1.55
CA PHE B 200 -6.01 13.02 -1.60
C PHE B 200 -6.40 12.62 -0.18
N SER B 201 -7.66 12.21 -0.02
CA SER B 201 -8.13 11.49 1.17
C SER B 201 -7.42 10.13 1.29
N PRO B 202 -7.31 9.57 2.52
CA PRO B 202 -6.66 8.28 2.71
C PRO B 202 -7.16 7.18 1.76
N ASN B 203 -8.45 7.19 1.46
CA ASN B 203 -9.07 6.22 0.56
C ASN B 203 -8.84 6.53 -0.92
N GLY B 204 -8.32 7.73 -1.22
CA GLY B 204 -8.06 8.15 -2.60
C GLY B 204 -9.25 8.59 -3.44
N LYS B 205 -10.44 8.61 -2.85
CA LYS B 205 -11.64 8.93 -3.63
C LYS B 205 -11.97 10.41 -3.66
N TYR B 206 -11.45 11.14 -2.67
CA TYR B 206 -11.74 12.57 -2.54
C TYR B 206 -10.44 13.37 -2.53
N ILE B 207 -10.56 14.67 -2.78
CA ILE B 207 -9.45 15.56 -2.48
C ILE B 207 -9.93 16.61 -1.49
N LEU B 208 -9.02 17.01 -0.60
CA LEU B 208 -9.22 18.15 0.31
C LEU B 208 -8.44 19.33 -0.25
N ALA B 209 -9.14 20.43 -0.55
CA ALA B 209 -8.51 21.63 -1.13
C ALA B 209 -8.72 22.88 -0.30
N ALA B 210 -7.63 23.59 -0.03
CA ALA B 210 -7.69 24.87 0.66
C ALA B 210 -7.65 26.00 -0.37
N THR B 211 -8.47 27.02 -0.15
CA THR B 211 -8.47 28.19 -1.02
C THR B 211 -8.21 29.40 -0.13
N LEU B 212 -7.60 30.44 -0.68
CA LEU B 212 -7.30 31.63 0.11
C LEU B 212 -8.53 32.55 0.36
N ASP B 213 -9.67 31.92 0.61
CA ASP B 213 -10.87 32.63 1.05
C ASP B 213 -11.39 31.97 2.32
N ASN B 214 -10.47 31.54 3.18
CA ASN B 214 -10.80 31.00 4.50
C ASN B 214 -11.69 29.74 4.43
N THR B 215 -11.44 28.90 3.42
CA THR B 215 -12.27 27.71 3.17
C THR B 215 -11.45 26.48 2.82
N LEU B 216 -11.81 25.35 3.42
CA LEU B 216 -11.34 24.04 2.99
C LEU B 216 -12.51 23.31 2.37
N LYS B 217 -12.28 22.60 1.28
CA LYS B 217 -13.35 21.87 0.60
C LYS B 217 -12.98 20.42 0.34
N LEU B 218 -13.94 19.54 0.54
CA LEU B 218 -13.78 18.13 0.20
C LEU B 218 -14.56 17.84 -1.09
N TRP B 219 -13.83 17.37 -2.10
CA TRP B 219 -14.40 17.14 -3.44
C TRP B 219 -14.38 15.68 -3.79
N ASP B 220 -15.47 15.20 -4.40
CA ASP B 220 -15.43 13.99 -5.20
C ASP B 220 -14.94 14.50 -6.56
N TYR B 221 -13.66 14.28 -6.85
CA TYR B 221 -13.07 14.88 -8.05
C TYR B 221 -13.54 14.20 -9.36
N SER B 222 -13.86 12.89 -9.29
CA SER B 222 -14.39 12.19 -10.47
C SER B 222 -15.74 12.74 -10.91
N LYS B 223 -16.59 13.08 -9.93
CA LYS B 223 -17.90 13.61 -10.21
C LYS B 223 -17.88 15.11 -10.35
N GLY B 224 -16.77 15.73 -9.96
CA GLY B 224 -16.69 17.19 -9.93
C GLY B 224 -17.67 17.78 -8.94
N LYS B 225 -17.76 17.17 -7.76
CA LYS B 225 -18.77 17.52 -6.77
C LYS B 225 -18.17 17.86 -5.40
N CYS B 226 -18.47 19.06 -4.91
CA CYS B 226 -18.06 19.45 -3.56
C CYS B 226 -18.99 18.86 -2.53
N LEU B 227 -18.44 18.08 -1.61
CA LEU B 227 -19.23 17.33 -0.61
C LEU B 227 -19.30 18.02 0.75
N LYS B 228 -18.22 18.66 1.16
CA LYS B 228 -18.15 19.31 2.48
C LYS B 228 -17.32 20.58 2.39
N THR B 229 -17.66 21.57 3.21
CA THR B 229 -16.75 22.70 3.41
C THR B 229 -16.46 22.86 4.92
N TYR B 230 -15.24 23.27 5.25
CA TYR B 230 -14.82 23.51 6.62
C TYR B 230 -14.34 24.96 6.72
N THR B 231 -14.97 25.73 7.61
CA THR B 231 -14.70 27.15 7.75
C THR B 231 -14.66 27.55 9.24
N GLY B 232 -14.40 28.82 9.51
CA GLY B 232 -14.26 29.31 10.87
C GLY B 232 -12.84 29.76 11.15
N HIS B 233 -11.88 29.21 10.41
CA HIS B 233 -10.48 29.60 10.52
C HIS B 233 -10.12 30.77 9.62
N LYS B 234 -8.87 31.21 9.71
CA LYS B 234 -8.39 32.33 8.90
C LYS B 234 -7.31 31.83 7.93
N ASN B 235 -7.56 31.98 6.63
CA ASN B 235 -6.61 31.58 5.58
C ASN B 235 -6.81 32.38 4.31
N GLU B 236 -6.14 33.52 4.23
CA GLU B 236 -6.18 34.41 3.06
C GLU B 236 -4.79 34.73 2.47
N LYS B 237 -3.73 34.31 3.15
CA LYS B 237 -2.38 34.77 2.80
C LYS B 237 -1.36 33.68 2.48
N TYR B 238 -1.40 32.57 3.23
CA TYR B 238 -0.34 31.55 3.17
C TYR B 238 -0.86 30.20 2.72
N CYS B 239 0.04 29.40 2.17
CA CYS B 239 -0.24 28.02 1.80
C CYS B 239 -0.06 27.15 3.03
N ILE B 240 -1.17 26.97 3.75
CA ILE B 240 -1.21 26.26 5.03
C ILE B 240 -1.64 24.82 4.75
N PHE B 241 -0.93 23.86 5.35
CA PHE B 241 -1.24 22.44 5.15
C PHE B 241 -2.55 22.05 5.86
N ALA B 242 -3.26 21.07 5.33
CA ALA B 242 -4.39 20.47 6.03
C ALA B 242 -4.26 18.94 6.03
N ASN B 243 -4.99 18.26 6.90
CA ASN B 243 -4.85 16.82 7.06
C ASN B 243 -6.16 16.14 7.34
N PHE B 244 -6.19 14.84 7.02
CA PHE B 244 -7.20 13.94 7.54
C PHE B 244 -6.60 13.27 8.78
N SER B 245 -7.27 13.39 9.91
CA SER B 245 -6.88 12.64 11.08
C SER B 245 -7.78 11.42 11.17
N VAL B 246 -7.16 10.25 11.24
CA VAL B 246 -7.89 8.98 11.10
C VAL B 246 -7.53 7.95 12.16
N THR B 247 -6.56 8.26 13.03
CA THR B 247 -6.15 7.32 14.08
C THR B 247 -7.21 7.13 15.16
N GLY B 248 -7.98 8.18 15.44
CA GLY B 248 -9.05 8.13 16.43
C GLY B 248 -10.36 8.55 15.80
N GLY B 249 -10.99 9.59 16.32
CA GLY B 249 -12.15 10.18 15.65
C GLY B 249 -11.70 10.70 14.28
N LYS B 250 -12.65 10.80 13.35
CA LYS B 250 -12.31 11.21 11.98
C LYS B 250 -12.43 12.72 11.86
N TRP B 251 -11.29 13.38 11.79
CA TRP B 251 -11.26 14.83 11.78
C TRP B 251 -10.60 15.37 10.53
N ILE B 252 -10.85 16.66 10.31
CA ILE B 252 -10.03 17.49 9.45
C ILE B 252 -9.21 18.40 10.35
N VAL B 253 -7.93 18.53 10.05
CA VAL B 253 -7.01 19.34 10.86
C VAL B 253 -6.32 20.37 9.96
N SER B 254 -6.23 21.62 10.40
CA SER B 254 -5.51 22.65 9.62
C SER B 254 -4.93 23.75 10.52
N GLY B 255 -3.84 24.36 10.07
CA GLY B 255 -3.35 25.56 10.71
C GLY B 255 -4.23 26.75 10.34
N SER B 256 -3.89 27.92 10.85
CA SER B 256 -4.70 29.11 10.66
C SER B 256 -3.85 30.35 10.91
N GLU B 257 -4.25 31.45 10.27
CA GLU B 257 -3.58 32.74 10.41
C GLU B 257 -3.95 33.50 11.69
N ASP B 258 -4.83 32.93 12.52
CA ASP B 258 -5.12 33.47 13.84
C ASP B 258 -4.38 32.70 14.93
N ASN B 259 -3.31 32.00 14.53
CA ASN B 259 -2.35 31.35 15.41
C ASN B 259 -2.84 30.05 16.07
N LEU B 260 -3.97 29.54 15.60
CA LEU B 260 -4.59 28.35 16.18
C LEU B 260 -4.57 27.15 15.24
N VAL B 261 -4.57 25.95 15.82
CA VAL B 261 -4.81 24.74 15.04
C VAL B 261 -6.30 24.48 15.17
N TYR B 262 -6.95 24.30 14.02
CA TYR B 262 -8.38 23.99 13.96
C TYR B 262 -8.59 22.53 13.69
N ILE B 263 -9.55 21.95 14.41
CA ILE B 263 -9.97 20.56 14.20
C ILE B 263 -11.48 20.50 13.96
N TRP B 264 -11.90 19.90 12.85
CA TRP B 264 -13.32 19.76 12.53
C TRP B 264 -13.73 18.31 12.51
N ASN B 265 -15.00 18.05 12.83
CA ASN B 265 -15.66 16.79 12.55
C ASN B 265 -15.79 16.62 11.03
N LEU B 266 -15.21 15.57 10.47
CA LEU B 266 -15.20 15.39 9.01
C LEU B 266 -16.61 15.38 8.39
N GLN B 267 -17.55 14.71 9.03
CA GLN B 267 -18.92 14.57 8.49
C GLN B 267 -19.83 15.77 8.77
N THR B 268 -19.79 16.29 9.98
CA THR B 268 -20.68 17.40 10.38
C THR B 268 -20.14 18.79 10.03
N LYS B 269 -18.82 18.88 9.81
CA LYS B 269 -18.14 20.14 9.50
C LYS B 269 -18.06 21.10 10.69
N GLU B 270 -18.48 20.63 11.86
CA GLU B 270 -18.41 21.40 13.09
C GLU B 270 -16.98 21.42 13.61
N ILE B 271 -16.52 22.57 14.09
CA ILE B 271 -15.27 22.65 14.84
C ILE B 271 -15.42 21.87 16.14
N VAL B 272 -14.48 20.97 16.43
CA VAL B 272 -14.52 20.18 17.67
C VAL B 272 -13.42 20.59 18.65
N GLN B 273 -12.39 21.28 18.14
CA GLN B 273 -11.32 21.80 19.02
C GLN B 273 -10.47 22.85 18.32
N LYS B 274 -9.95 23.78 19.10
CA LYS B 274 -9.00 24.76 18.61
C LYS B 274 -7.81 24.71 19.56
N LEU B 275 -6.60 24.58 19.00
CA LEU B 275 -5.42 24.42 19.83
C LEU B 275 -4.66 25.73 19.92
N GLN B 276 -4.58 26.25 21.15
CA GLN B 276 -3.97 27.54 21.43
C GLN B 276 -2.58 27.35 22.03
N GLY B 277 -1.63 28.15 21.55
CA GLY B 277 -0.28 28.10 22.09
C GLY B 277 0.72 28.84 21.26
N HIS B 278 0.61 28.70 19.94
CA HIS B 278 1.51 29.36 18.99
C HIS B 278 1.33 30.88 19.01
N THR B 279 2.39 31.61 18.66
CA THR B 279 2.39 33.06 18.73
C THR B 279 2.59 33.66 17.34
N ASP B 280 2.37 32.83 16.32
CA ASP B 280 2.32 33.29 14.92
C ASP B 280 1.46 32.30 14.12
N VAL B 281 1.24 32.63 12.85
CA VAL B 281 0.49 31.81 11.89
C VAL B 281 0.95 30.36 12.00
N VAL B 282 -0.01 29.43 12.13
CA VAL B 282 0.29 28.02 12.10
C VAL B 282 0.29 27.60 10.62
N ILE B 283 1.48 27.44 10.06
CA ILE B 283 1.63 27.22 8.62
C ILE B 283 1.48 25.72 8.27
N SER B 284 1.75 24.84 9.24
CA SER B 284 1.83 23.41 8.95
C SER B 284 1.35 22.60 10.13
N THR B 285 0.64 21.52 9.83
CA THR B 285 0.23 20.53 10.82
C THR B 285 0.40 19.17 10.15
N ALA B 286 0.58 18.13 10.97
CA ALA B 286 0.75 16.75 10.49
C ALA B 286 0.13 15.87 11.54
N CYS B 287 -0.39 14.73 11.09
CA CYS B 287 -1.02 13.78 11.97
C CYS B 287 -0.18 12.50 12.00
N HIS B 288 0.12 12.02 13.21
CA HIS B 288 0.88 10.80 13.41
C HIS B 288 0.21 9.57 12.78
N PRO B 289 1.01 8.66 12.16
CA PRO B 289 0.38 7.52 11.45
C PRO B 289 -0.39 6.49 12.32
N THR B 290 -0.05 6.37 13.62
CA THR B 290 -0.69 5.36 14.49
C THR B 290 -1.24 5.89 15.81
N GLU B 291 -0.66 6.98 16.31
CA GLU B 291 -1.11 7.58 17.57
C GLU B 291 -1.91 8.84 17.30
N ASN B 292 -2.78 9.24 18.24
CA ASN B 292 -3.50 10.50 18.16
C ASN B 292 -2.53 11.60 18.57
N ILE B 293 -1.62 11.94 17.68
CA ILE B 293 -0.64 13.01 17.91
C ILE B 293 -0.65 13.96 16.72
N ILE B 294 -0.71 15.27 16.99
CA ILE B 294 -0.64 16.29 15.97
C ILE B 294 0.66 17.08 16.20
N ALA B 295 1.38 17.35 15.11
CA ALA B 295 2.49 18.29 15.16
C ALA B 295 2.03 19.55 14.45
N SER B 296 2.36 20.70 15.02
CA SER B 296 2.07 22.00 14.39
C SER B 296 3.32 22.89 14.36
N ALA B 297 3.39 23.79 13.40
CA ALA B 297 4.57 24.67 13.30
C ALA B 297 4.17 26.06 12.85
N ALA B 298 4.92 27.06 13.32
CA ALA B 298 4.49 28.45 13.15
C ALA B 298 5.56 29.34 12.51
N LEU B 299 5.14 30.53 12.08
CA LEU B 299 6.01 31.47 11.38
C LEU B 299 6.96 32.26 12.29
N GLU B 300 7.53 33.34 11.74
CA GLU B 300 8.71 34.03 12.28
C GLU B 300 8.64 34.53 13.74
N ASN B 301 7.47 34.98 14.20
CA ASN B 301 7.33 35.43 15.60
C ASN B 301 7.41 34.27 16.60
N ASP B 302 7.32 33.04 16.08
CA ASP B 302 7.19 31.84 16.89
C ASP B 302 8.37 30.90 16.65
N LYS B 303 8.46 30.35 15.43
CA LYS B 303 9.58 29.48 14.97
C LYS B 303 9.65 28.10 15.65
N THR B 304 8.61 27.74 16.41
CA THR B 304 8.60 26.44 17.09
C THR B 304 7.63 25.45 16.47
N ILE B 305 7.86 24.17 16.83
CA ILE B 305 6.97 23.08 16.53
C ILE B 305 6.35 22.61 17.85
N LYS B 306 5.06 22.33 17.84
CA LYS B 306 4.42 21.81 19.03
C LYS B 306 3.87 20.42 18.76
N LEU B 307 4.00 19.54 19.75
CA LEU B 307 3.41 18.21 19.70
C LEU B 307 2.26 18.14 20.69
N TRP B 308 1.10 17.70 20.20
CA TRP B 308 -0.15 17.66 20.96
C TRP B 308 -0.64 16.21 20.92
N LYS B 309 -1.15 15.73 22.04
CA LYS B 309 -1.61 14.36 22.15
C LYS B 309 -3.06 14.30 22.68
N SER B 310 -3.88 13.47 22.04
CA SER B 310 -5.28 13.26 22.43
C SER B 310 -5.52 11.80 22.85
N ASP B 311 -6.47 11.60 23.75
CA ASP B 311 -6.87 10.26 24.15
C ASP B 311 -7.74 9.58 23.11
N CYS B 312 -8.31 10.36 22.18
CA CYS B 312 -9.21 9.81 21.18
C CYS B 312 -9.15 10.57 19.86
N ALA C 1 -6.81 -25.28 8.27
CA ALA C 1 -6.16 -26.58 8.00
C ALA C 1 -4.78 -26.39 7.38
N ARG C 2 -4.57 -25.38 6.53
CA ARG C 2 -3.31 -25.29 5.76
C ARG C 2 -2.10 -25.23 6.69
N THR C 3 -2.31 -24.69 7.88
CA THR C 3 -1.21 -24.52 8.84
C THR C 3 -0.87 -25.81 9.59
N GLN C 5 -0.25 -30.24 9.11
CA GLN C 5 0.09 -31.25 8.11
C GLN C 5 -1.07 -32.23 7.95
N THR C 6 -1.55 -32.40 6.72
CA THR C 6 -2.72 -33.25 6.45
C THR C 6 -2.53 -34.22 5.29
N ALA C 7 -1.30 -34.34 4.79
CA ALA C 7 -1.08 -35.19 3.61
C ALA C 7 -0.31 -36.47 3.88
N ARG C 8 -0.59 -37.50 3.10
CA ARG C 8 0.29 -38.68 3.04
C ARG C 8 1.68 -38.24 2.58
N LYS C 9 2.66 -39.12 2.75
CA LYS C 9 4.04 -38.86 2.34
C LYS C 9 4.12 -38.59 0.83
N ALA D 1 10.13 30.35 0.60
CA ALA D 1 8.95 30.97 -0.06
C ALA D 1 7.68 30.82 0.74
N ARG D 2 7.40 29.60 1.22
CA ARG D 2 6.12 29.33 1.89
C ARG D 2 5.85 30.24 3.08
N THR D 3 6.93 30.67 3.74
CA THR D 3 6.84 31.45 4.98
C THR D 3 6.56 32.94 4.73
N GLN D 5 4.21 35.88 2.24
CA GLN D 5 3.02 36.02 1.40
C GLN D 5 3.40 36.24 -0.06
N THR D 6 2.82 35.44 -0.96
CA THR D 6 3.12 35.53 -2.39
C THR D 6 1.89 35.49 -3.27
N ALA D 7 0.72 35.25 -2.67
CA ALA D 7 -0.50 34.98 -3.44
C ALA D 7 -1.29 36.21 -3.80
N ARG D 8 -1.92 36.17 -4.98
CA ARG D 8 -2.92 37.16 -5.36
C ARG D 8 -4.10 37.11 -4.39
#